data_8YDS
#
_entry.id   8YDS
#
_cell.length_a   74.050
_cell.length_b   74.050
_cell.length_c   101.000
_cell.angle_alpha   90.000
_cell.angle_beta   90.000
_cell.angle_gamma   120.000
#
_symmetry.space_group_name_H-M   'P 31 2 1'
#
loop_
_entity.id
_entity.type
_entity.pdbx_description
1 polymer 'SARS-CoV-2 inhibiting peptide Ce59'
2 polymer 'Spike protein S1'
3 branched 2-acetamido-2-deoxy-beta-D-glucopyranose-(1-4)-2-acetamido-2-deoxy-beta-D-glucopyranose
4 non-polymer GLYCEROL
5 water water
#
loop_
_entity_poly.entity_id
_entity_poly.type
_entity_poly.pdbx_seq_one_letter_code
_entity_poly.pdbx_strand_id
1 'polypeptide(L)' DKEWILQKIYEIMRRLDEEGHGEASLRVSDLIYEFMKRD A
2 'polypeptide(L)'
;TNLCPFGEVFNATRFASVYAWNRKRISNCVADYSVLYNSASFSTFKCYGVSPTKLNDLCFTNVYADSFVIRGDEVRQIAP
GQTGKIADYNYKLPDDFTGCVIAWNSNNLDSKVGGNYNYRYRLFRKSNLKPFERDISTEIYQAGSKPCNGVEGFNCYFPL
QSYGFQPTNGVGYQPYRVVVLSFELLHAPATVCGSNSENLYFQGSHHHHHHHHHHGLNDIFEAQKIEWHE
;
B
#
loop_
_chem_comp.id
_chem_comp.type
_chem_comp.name
_chem_comp.formula
GOL non-polymer GLYCEROL 'C3 H8 O3'
NAG D-saccharide, beta linking 2-acetamido-2-deoxy-beta-D-glucopyranose 'C8 H15 N O6'
#
# COMPACT_ATOMS: atom_id res chain seq x y z
N ASP A 1 -17.22 -26.64 -9.32
CA ASP A 1 -16.87 -25.52 -8.44
C ASP A 1 -15.44 -25.66 -7.91
N LYS A 2 -14.90 -24.57 -7.39
CA LYS A 2 -13.53 -24.56 -6.88
C LYS A 2 -13.47 -24.70 -5.37
N GLU A 3 -14.55 -25.13 -4.71
CA GLU A 3 -14.66 -24.95 -3.27
C GLU A 3 -13.62 -25.80 -2.53
N TRP A 4 -13.51 -27.09 -2.86
CA TRP A 4 -12.58 -27.97 -2.15
C TRP A 4 -11.13 -27.51 -2.37
N ILE A 5 -10.76 -27.24 -3.62
CA ILE A 5 -9.36 -26.90 -3.85
C ILE A 5 -9.03 -25.51 -3.29
N LEU A 6 -9.98 -24.57 -3.35
CA LEU A 6 -9.71 -23.27 -2.73
C LEU A 6 -9.45 -23.40 -1.24
N GLN A 7 -10.25 -24.24 -0.56
CA GLN A 7 -10.05 -24.45 0.87
C GLN A 7 -8.69 -25.06 1.16
N LYS A 8 -8.28 -26.06 0.37
CA LYS A 8 -6.99 -26.69 0.59
C LYS A 8 -5.84 -25.70 0.38
N ILE A 9 -5.95 -24.85 -0.63
CA ILE A 9 -4.89 -23.89 -0.88
C ILE A 9 -4.84 -22.84 0.22
N TYR A 10 -6.01 -22.37 0.64
CA TYR A 10 -6.10 -21.50 1.81
C TYR A 10 -5.43 -22.13 3.03
N GLU A 11 -5.73 -23.41 3.30
CA GLU A 11 -5.17 -24.08 4.47
C GLU A 11 -3.66 -24.21 4.38
N ILE A 12 -3.11 -24.46 3.19
CA ILE A 12 -1.66 -24.53 3.06
C ILE A 12 -1.03 -23.16 3.33
N MET A 13 -1.62 -22.11 2.75
CA MET A 13 -1.15 -20.75 3.02
C MET A 13 -1.06 -20.50 4.53
N ARG A 14 -2.12 -20.85 5.27
CA ARG A 14 -2.10 -20.61 6.72
C ARG A 14 -1.08 -21.50 7.41
N ARG A 15 -0.96 -22.76 6.99
CA ARG A 15 0.05 -23.64 7.61
C ARG A 15 1.46 -23.15 7.31
N LEU A 16 1.72 -22.77 6.06
CA LEU A 16 3.05 -22.28 5.73
C LEU A 16 3.44 -21.09 6.59
N ASP A 17 2.47 -20.25 6.98
CA ASP A 17 2.77 -19.12 7.84
C ASP A 17 3.12 -19.59 9.24
N GLU A 18 2.25 -20.42 9.85
CA GLU A 18 2.49 -20.92 11.20
C GLU A 18 3.86 -21.60 11.31
N GLU A 19 4.27 -22.31 10.26
CA GLU A 19 5.58 -22.95 10.21
C GLU A 19 6.69 -21.99 9.78
N GLY A 20 6.45 -20.68 9.81
CA GLY A 20 7.47 -19.71 9.47
C GLY A 20 7.91 -19.68 8.02
N HIS A 21 7.25 -20.43 7.13
CA HIS A 21 7.52 -20.32 5.70
C HIS A 21 6.82 -19.06 5.17
N GLY A 22 7.23 -17.90 5.72
CA GLY A 22 6.53 -16.64 5.45
C GLY A 22 6.51 -16.27 3.98
N GLU A 23 7.60 -16.52 3.27
CA GLU A 23 7.65 -16.20 1.84
C GLU A 23 6.87 -17.20 1.00
N ALA A 24 6.90 -18.48 1.37
CA ALA A 24 6.08 -19.45 0.66
C ALA A 24 4.58 -19.14 0.84
N SER A 25 4.19 -18.71 2.03
CA SER A 25 2.81 -18.32 2.26
C SER A 25 2.38 -17.18 1.33
N LEU A 26 3.26 -16.21 1.11
CA LEU A 26 2.93 -15.11 0.21
C LEU A 26 2.80 -15.59 -1.23
N ARG A 27 3.58 -16.58 -1.64
CA ARG A 27 3.43 -17.11 -2.99
C ARG A 27 2.07 -17.78 -3.15
N VAL A 28 1.61 -18.48 -2.10
CA VAL A 28 0.30 -19.11 -2.16
C VAL A 28 -0.81 -18.06 -2.14
N SER A 29 -0.64 -17.01 -1.33
CA SER A 29 -1.59 -15.90 -1.34
C SER A 29 -1.76 -15.31 -2.74
N ASP A 30 -0.66 -15.10 -3.46
CA ASP A 30 -0.77 -14.59 -4.82
C ASP A 30 -1.63 -15.49 -5.69
N LEU A 31 -1.46 -16.81 -5.55
CA LEU A 31 -2.25 -17.76 -6.32
C LEU A 31 -3.74 -17.65 -5.97
N ILE A 32 -4.05 -17.56 -4.69
CA ILE A 32 -5.45 -17.39 -4.26
C ILE A 32 -6.07 -16.19 -4.96
N TYR A 33 -5.33 -15.07 -4.99
CA TYR A 33 -5.84 -13.88 -5.66
C TYR A 33 -6.13 -14.16 -7.13
N GLU A 34 -5.15 -14.72 -7.87
CA GLU A 34 -5.34 -14.94 -9.30
C GLU A 34 -6.46 -15.94 -9.56
N PHE A 35 -6.46 -17.03 -8.80
CA PHE A 35 -7.49 -18.06 -8.92
C PHE A 35 -8.90 -17.47 -8.75
N MET A 36 -9.08 -16.63 -7.73
CA MET A 36 -10.43 -16.15 -7.48
C MET A 36 -10.90 -15.12 -8.51
N LYS A 37 -9.97 -14.50 -9.25
CA LYS A 37 -10.38 -13.60 -10.32
C LYS A 37 -11.04 -14.33 -11.50
N ARG A 38 -10.81 -15.63 -11.64
CA ARG A 38 -11.30 -16.39 -12.78
C ARG A 38 -12.75 -16.84 -12.59
N ASP A 39 -13.45 -17.00 -13.71
CA ASP A 39 -14.85 -17.38 -13.71
C ASP A 39 -15.03 -18.90 -13.59
N THR B 1 6.01 30.62 5.31
CA THR B 1 7.03 30.64 6.35
C THR B 1 7.41 29.24 6.84
N ASN B 2 6.42 28.48 7.30
CA ASN B 2 6.66 27.13 7.79
C ASN B 2 7.17 26.22 6.68
N LEU B 3 8.19 25.43 7.00
CA LEU B 3 8.58 24.34 6.11
C LEU B 3 7.64 23.16 6.30
N CYS B 4 7.24 22.54 5.20
CA CYS B 4 6.27 21.46 5.28
C CYS B 4 6.87 20.28 6.03
N PRO B 5 6.15 19.68 6.97
CA PRO B 5 6.70 18.65 7.84
C PRO B 5 6.70 17.26 7.17
N PHE B 6 7.39 17.15 6.04
CA PHE B 6 7.51 15.85 5.38
C PHE B 6 8.20 14.82 6.26
N GLY B 7 9.02 15.27 7.22
CA GLY B 7 9.70 14.34 8.10
C GLY B 7 8.76 13.52 8.94
N GLU B 8 7.67 14.12 9.41
CA GLU B 8 6.68 13.38 10.20
C GLU B 8 6.11 12.20 9.43
N VAL B 9 6.09 12.28 8.11
CA VAL B 9 5.56 11.21 7.26
C VAL B 9 6.68 10.23 6.93
N PHE B 10 7.71 10.73 6.25
CA PHE B 10 8.76 9.84 5.73
C PHE B 10 9.56 9.19 6.84
N ASN B 11 9.70 9.86 7.99
CA ASN B 11 10.52 9.35 9.08
C ASN B 11 9.71 8.83 10.26
N ALA B 12 8.43 8.56 10.07
CA ALA B 12 7.64 7.97 11.14
C ALA B 12 8.23 6.64 11.57
N THR B 13 8.17 6.36 12.88
CA THR B 13 8.71 5.11 13.41
C THR B 13 7.95 3.91 12.88
N ARG B 14 6.62 4.00 12.87
CA ARG B 14 5.75 2.92 12.43
C ARG B 14 4.91 3.40 11.26
N PHE B 15 4.72 2.54 10.26
CA PHE B 15 3.90 2.87 9.10
C PHE B 15 2.59 2.12 9.21
N ALA B 16 1.59 2.59 8.45
CA ALA B 16 0.29 1.94 8.41
C ALA B 16 0.34 0.66 7.59
N SER B 17 -0.57 -0.27 7.92
CA SER B 17 -0.85 -1.37 7.01
C SER B 17 -1.57 -0.84 5.79
N VAL B 18 -1.33 -1.47 4.65
CA VAL B 18 -1.82 -0.95 3.38
C VAL B 18 -3.35 -0.95 3.32
N TYR B 19 -4.00 -1.97 3.92
CA TYR B 19 -5.46 -1.99 3.90
C TYR B 19 -6.04 -0.81 4.67
N ALA B 20 -5.32 -0.34 5.68
CA ALA B 20 -5.76 0.81 6.47
C ALA B 20 -4.76 1.94 6.27
N TRP B 21 -4.48 2.28 5.02
CA TRP B 21 -3.41 3.22 4.73
C TRP B 21 -3.67 4.57 5.40
N ASN B 22 -2.59 5.23 5.79
CA ASN B 22 -2.69 6.54 6.44
C ASN B 22 -2.65 7.66 5.42
N ARG B 23 -3.38 8.74 5.70
CA ARG B 23 -3.34 9.94 4.87
C ARG B 23 -3.08 11.13 5.77
N LYS B 24 -2.11 11.96 5.39
CA LYS B 24 -1.78 13.19 6.11
C LYS B 24 -2.03 14.38 5.18
N ARG B 25 -2.81 15.35 5.65
CA ARG B 25 -3.00 16.58 4.87
C ARG B 25 -1.88 17.55 5.20
N ILE B 26 -1.19 18.02 4.17
CA ILE B 26 -0.10 18.99 4.32
C ILE B 26 -0.63 20.32 3.78
N SER B 27 -0.58 21.36 4.60
CA SER B 27 -1.15 22.65 4.25
C SER B 27 -0.36 23.76 4.94
N ASN B 28 -0.43 24.96 4.36
CA ASN B 28 0.08 26.19 4.97
C ASN B 28 1.58 26.10 5.28
N CYS B 29 2.36 25.85 4.22
CA CYS B 29 3.79 25.65 4.44
C CYS B 29 4.53 25.75 3.11
N VAL B 30 5.86 25.80 3.20
CA VAL B 30 6.75 25.86 2.04
C VAL B 30 7.41 24.50 1.88
N ALA B 31 7.37 23.95 0.68
CA ALA B 31 7.87 22.61 0.39
C ALA B 31 9.03 22.66 -0.59
N ASP B 32 10.16 22.09 -0.20
CA ASP B 32 11.31 21.93 -1.10
C ASP B 32 11.31 20.48 -1.58
N TYR B 33 10.80 20.25 -2.80
CA TYR B 33 10.67 18.88 -3.30
C TYR B 33 11.99 18.31 -3.79
N SER B 34 12.92 19.17 -4.24
CA SER B 34 14.25 18.69 -4.61
C SER B 34 15.00 18.19 -3.38
N VAL B 35 14.88 18.89 -2.26
CA VAL B 35 15.50 18.43 -1.03
C VAL B 35 14.87 17.12 -0.56
N LEU B 36 13.57 16.97 -0.74
CA LEU B 36 12.93 15.69 -0.40
C LEU B 36 13.48 14.58 -1.27
N TYR B 37 13.57 14.82 -2.57
CA TYR B 37 14.08 13.85 -3.53
C TYR B 37 15.47 13.36 -3.14
N ASN B 38 16.29 14.26 -2.59
CA ASN B 38 17.66 13.95 -2.21
C ASN B 38 17.81 13.53 -0.77
N SER B 39 16.71 13.46 0.00
CA SER B 39 16.83 13.28 1.44
C SER B 39 17.20 11.86 1.84
N ALA B 40 17.13 10.89 0.94
CA ALA B 40 17.42 9.50 1.29
C ALA B 40 17.56 8.70 0.01
N SER B 41 17.97 7.44 0.18
CA SER B 41 18.08 6.53 -0.95
C SER B 41 16.72 5.88 -1.18
N PHE B 42 16.09 6.20 -2.30
CA PHE B 42 14.78 5.69 -2.65
C PHE B 42 14.90 4.65 -3.76
N SER B 43 14.09 3.59 -3.68
CA SER B 43 14.03 2.60 -4.74
C SER B 43 13.05 2.98 -5.82
N THR B 44 12.06 3.81 -5.49
CA THR B 44 11.12 4.38 -6.43
C THR B 44 10.91 5.85 -6.06
N PHE B 45 10.87 6.71 -7.07
CA PHE B 45 10.49 8.11 -6.88
C PHE B 45 9.99 8.57 -8.24
N LYS B 46 8.74 8.23 -8.54
CA LYS B 46 8.17 8.37 -9.86
C LYS B 46 7.05 9.39 -9.80
N CYS B 47 7.22 10.50 -10.50
CA CYS B 47 6.22 11.55 -10.54
C CYS B 47 5.53 11.52 -11.89
N TYR B 48 4.20 11.66 -11.87
CA TYR B 48 3.40 11.45 -13.05
C TYR B 48 2.95 12.76 -13.69
N GLY B 49 3.03 13.87 -12.96
CA GLY B 49 2.90 15.18 -13.55
C GLY B 49 4.27 15.69 -13.95
N VAL B 50 4.86 16.54 -13.13
CA VAL B 50 6.15 17.13 -13.43
C VAL B 50 7.19 16.62 -12.43
N SER B 51 8.45 16.94 -12.70
CA SER B 51 9.54 16.45 -11.88
C SER B 51 9.62 17.23 -10.56
N PRO B 52 10.34 16.69 -9.57
CA PRO B 52 10.58 17.46 -8.34
C PRO B 52 11.02 18.90 -8.56
N THR B 53 12.03 19.11 -9.42
CA THR B 53 12.52 20.46 -9.65
C THR B 53 11.40 21.35 -10.17
N LYS B 54 10.58 20.83 -11.09
CA LYS B 54 9.46 21.60 -11.61
C LYS B 54 8.38 21.80 -10.55
N LEU B 55 8.22 20.84 -9.64
CA LEU B 55 7.27 21.03 -8.53
C LEU B 55 7.64 22.22 -7.68
N ASN B 56 8.92 22.57 -7.61
CA ASN B 56 9.36 23.65 -6.73
C ASN B 56 8.94 25.02 -7.21
N ASP B 57 8.41 25.14 -8.42
CA ASP B 57 7.88 26.41 -8.90
C ASP B 57 6.36 26.44 -8.85
N LEU B 58 5.73 25.45 -8.23
CA LEU B 58 4.28 25.31 -8.24
C LEU B 58 3.70 25.47 -6.84
N CYS B 59 2.48 26.00 -6.79
CA CYS B 59 1.73 26.14 -5.55
C CYS B 59 0.46 25.31 -5.64
N PHE B 60 0.07 24.71 -4.52
CA PHE B 60 -1.13 23.89 -4.48
C PHE B 60 -1.99 24.27 -3.29
N THR B 61 -3.28 23.93 -3.39
CA THR B 61 -4.18 24.16 -2.25
C THR B 61 -3.76 23.33 -1.06
N ASN B 62 -3.57 22.04 -1.28
CA ASN B 62 -3.09 21.11 -0.27
C ASN B 62 -2.22 20.07 -0.95
N VAL B 63 -1.42 19.38 -0.15
CA VAL B 63 -0.74 18.17 -0.57
C VAL B 63 -1.17 17.07 0.38
N TYR B 64 -1.51 15.90 -0.18
CA TYR B 64 -1.85 14.74 0.63
C TYR B 64 -0.73 13.74 0.51
N ALA B 65 -0.32 13.17 1.64
CA ALA B 65 0.72 12.17 1.70
C ALA B 65 0.12 10.89 2.27
N ASP B 66 -0.08 9.89 1.42
CA ASP B 66 -0.59 8.59 1.83
C ASP B 66 0.60 7.65 2.05
N SER B 67 0.58 6.89 3.15
CA SER B 67 1.72 6.02 3.43
C SER B 67 1.28 4.68 4.00
N PHE B 68 2.12 3.67 3.76
CA PHE B 68 1.79 2.31 4.12
C PHE B 68 2.96 1.42 3.76
N VAL B 69 2.87 0.13 4.08
CA VAL B 69 3.93 -0.83 3.77
C VAL B 69 3.36 -1.93 2.89
N ILE B 70 4.08 -2.30 1.82
CA ILE B 70 3.76 -3.45 0.98
C ILE B 70 5.04 -4.21 0.68
N ARG B 71 4.92 -5.30 -0.07
CA ARG B 71 6.07 -6.05 -0.59
C ARG B 71 6.75 -5.28 -1.71
N GLY B 72 8.07 -5.46 -1.82
CA GLY B 72 8.81 -4.83 -2.91
C GLY B 72 8.22 -5.11 -4.27
N ASP B 73 7.82 -6.36 -4.53
CA ASP B 73 7.27 -6.70 -5.84
C ASP B 73 5.85 -6.19 -6.05
N GLU B 74 5.25 -5.58 -5.04
CA GLU B 74 3.94 -4.95 -5.16
C GLU B 74 3.99 -3.45 -5.42
N VAL B 75 5.16 -2.82 -5.25
CA VAL B 75 5.25 -1.38 -5.48
C VAL B 75 4.80 -1.02 -6.90
N ARG B 76 5.01 -1.91 -7.87
CA ARG B 76 4.56 -1.63 -9.24
C ARG B 76 3.06 -1.44 -9.34
N GLN B 77 2.28 -1.99 -8.41
CA GLN B 77 0.84 -1.78 -8.43
C GLN B 77 0.43 -0.40 -7.93
N ILE B 78 1.33 0.33 -7.29
CA ILE B 78 0.98 1.68 -6.85
C ILE B 78 1.27 2.62 -8.02
N ALA B 79 0.40 2.58 -9.02
CA ALA B 79 0.57 3.33 -10.25
C ALA B 79 -0.76 3.35 -10.98
N PRO B 80 -1.05 4.40 -11.73
CA PRO B 80 -2.31 4.42 -12.50
C PRO B 80 -2.41 3.23 -13.44
N GLY B 81 -3.62 2.71 -13.59
CA GLY B 81 -3.90 1.67 -14.55
C GLY B 81 -3.48 0.26 -14.18
N GLN B 82 -3.00 0.04 -12.96
CA GLN B 82 -2.50 -1.28 -12.57
C GLN B 82 -3.61 -2.08 -11.90
N THR B 83 -3.50 -3.41 -11.99
CA THR B 83 -4.37 -4.29 -11.24
C THR B 83 -3.52 -5.30 -10.47
N GLY B 84 -4.13 -5.94 -9.51
CA GLY B 84 -3.43 -6.87 -8.66
C GLY B 84 -4.04 -6.83 -7.28
N LYS B 85 -3.48 -7.66 -6.40
CA LYS B 85 -4.03 -7.80 -5.06
C LYS B 85 -4.05 -6.45 -4.33
N ILE B 86 -3.00 -5.65 -4.49
CA ILE B 86 -2.92 -4.38 -3.78
C ILE B 86 -3.77 -3.32 -4.46
N ALA B 87 -3.61 -3.15 -5.77
CA ALA B 87 -4.39 -2.15 -6.49
C ALA B 87 -5.88 -2.44 -6.40
N ASP B 88 -6.27 -3.72 -6.44
CA ASP B 88 -7.70 -4.05 -6.46
C ASP B 88 -8.33 -3.93 -5.08
N TYR B 89 -7.68 -4.47 -4.05
CA TYR B 89 -8.33 -4.65 -2.76
C TYR B 89 -7.77 -3.78 -1.65
N ASN B 90 -6.71 -2.99 -1.91
CA ASN B 90 -6.03 -2.32 -0.79
C ASN B 90 -5.82 -0.82 -1.01
N TYR B 91 -5.21 -0.44 -2.12
CA TYR B 91 -4.94 0.98 -2.38
C TYR B 91 -4.93 1.20 -3.89
N LYS B 92 -5.80 2.08 -4.37
CA LYS B 92 -6.06 2.23 -5.80
C LYS B 92 -5.80 3.65 -6.24
N LEU B 93 -4.84 3.83 -7.26
CA LEU B 93 -4.64 5.17 -7.83
C LEU B 93 -5.54 5.37 -9.04
N PRO B 94 -6.00 6.59 -9.28
CA PRO B 94 -6.84 6.86 -10.46
C PRO B 94 -6.04 6.84 -11.74
N ASP B 95 -6.75 6.58 -12.85
CA ASP B 95 -6.10 6.53 -14.15
C ASP B 95 -5.40 7.84 -14.49
N ASP B 96 -5.90 8.96 -13.96
CA ASP B 96 -5.38 10.28 -14.29
C ASP B 96 -4.47 10.84 -13.20
N PHE B 97 -3.93 9.98 -12.35
CA PHE B 97 -3.04 10.44 -11.29
C PHE B 97 -1.85 11.18 -11.88
N THR B 98 -1.48 12.30 -11.24
CA THR B 98 -0.35 13.11 -11.67
C THR B 98 0.58 13.48 -10.52
N GLY B 99 0.54 12.75 -9.40
CA GLY B 99 1.39 13.03 -8.26
C GLY B 99 2.67 12.22 -8.30
N CYS B 100 3.23 11.92 -7.12
CA CYS B 100 4.47 11.15 -7.02
C CYS B 100 4.29 9.92 -6.13
N VAL B 101 4.96 8.85 -6.52
CA VAL B 101 4.99 7.61 -5.73
C VAL B 101 6.43 7.37 -5.33
N ILE B 102 6.67 7.28 -4.02
CA ILE B 102 8.00 7.19 -3.43
C ILE B 102 8.08 5.94 -2.57
N ALA B 103 9.18 5.19 -2.70
CA ALA B 103 9.28 3.94 -1.94
C ALA B 103 10.73 3.65 -1.60
N TRP B 104 10.93 2.90 -0.52
CA TRP B 104 12.27 2.47 -0.13
C TRP B 104 12.20 1.17 0.65
N ASN B 105 13.26 0.37 0.53
CA ASN B 105 13.33 -0.89 1.27
C ASN B 105 13.39 -0.61 2.78
N SER B 106 12.54 -1.31 3.55
CA SER B 106 12.47 -1.15 4.99
C SER B 106 12.67 -2.47 5.72
N ASN B 107 13.38 -3.41 5.09
CA ASN B 107 13.68 -4.69 5.71
C ASN B 107 14.27 -4.53 7.11
N ASN B 108 15.05 -3.46 7.34
CA ASN B 108 15.71 -3.28 8.61
C ASN B 108 14.77 -2.81 9.72
N LEU B 109 13.61 -2.23 9.39
CA LEU B 109 12.66 -1.76 10.40
C LEU B 109 11.41 -2.63 10.50
N ASP B 110 10.98 -3.24 9.40
CA ASP B 110 9.66 -3.87 9.33
C ASP B 110 9.70 -5.38 9.18
N SER B 111 10.86 -6.01 9.34
CA SER B 111 10.95 -7.45 9.35
C SER B 111 11.39 -7.91 10.74
N LYS B 112 11.09 -9.18 11.03
CA LYS B 112 11.43 -9.76 12.32
C LYS B 112 11.84 -11.20 12.10
N VAL B 113 12.83 -11.66 12.87
CA VAL B 113 13.09 -13.08 12.96
C VAL B 113 11.84 -13.76 13.47
N GLY B 114 11.39 -14.79 12.77
CA GLY B 114 10.17 -15.47 13.11
C GLY B 114 8.91 -14.87 12.52
N GLY B 115 9.02 -13.72 11.84
CA GLY B 115 7.90 -13.10 11.16
C GLY B 115 7.30 -11.91 11.88
N ASN B 116 7.28 -10.75 11.22
CA ASN B 116 6.56 -9.61 11.74
C ASN B 116 5.09 -9.73 11.34
N TYR B 117 4.19 -9.67 12.31
CA TYR B 117 2.77 -9.79 12.00
C TYR B 117 2.03 -8.47 12.10
N ASN B 118 2.76 -7.35 12.25
CA ASN B 118 2.10 -6.06 12.40
C ASN B 118 1.45 -5.57 11.12
N TYR B 119 1.97 -5.96 9.96
CA TYR B 119 1.50 -5.45 8.68
C TYR B 119 0.63 -6.48 7.98
N ARG B 120 -0.55 -6.05 7.53
CA ARG B 120 -1.51 -6.91 6.88
C ARG B 120 -2.01 -6.29 5.59
N TYR B 121 -2.59 -7.14 4.74
CA TYR B 121 -3.18 -6.72 3.49
C TYR B 121 -4.50 -7.45 3.33
N ARG B 122 -5.40 -6.88 2.52
CA ARG B 122 -6.67 -7.52 2.22
C ARG B 122 -6.50 -8.48 1.05
N LEU B 123 -6.89 -9.74 1.26
CA LEU B 123 -6.79 -10.77 0.24
C LEU B 123 -8.09 -11.04 -0.49
N PHE B 124 -9.25 -10.72 0.11
CA PHE B 124 -10.55 -11.04 -0.45
C PHE B 124 -11.42 -9.79 -0.46
N ARG B 125 -12.14 -9.57 -1.57
CA ARG B 125 -13.13 -8.48 -1.61
C ARG B 125 -14.08 -8.74 -2.76
N LYS B 126 -15.37 -8.41 -2.56
CA LYS B 126 -16.36 -8.69 -3.58
C LYS B 126 -16.19 -7.80 -4.81
N SER B 127 -15.62 -6.61 -4.66
CA SER B 127 -15.41 -5.74 -5.80
C SER B 127 -14.11 -4.98 -5.59
N ASN B 128 -13.62 -4.37 -6.68
CA ASN B 128 -12.39 -3.61 -6.64
C ASN B 128 -12.61 -2.24 -6.00
N LEU B 129 -11.57 -1.74 -5.34
CA LEU B 129 -11.64 -0.40 -4.76
C LEU B 129 -11.76 0.66 -5.83
N LYS B 130 -12.54 1.69 -5.53
CA LYS B 130 -12.47 2.93 -6.29
C LYS B 130 -11.21 3.69 -5.91
N PRO B 131 -10.71 4.55 -6.81
CA PRO B 131 -9.49 5.31 -6.50
C PRO B 131 -9.60 6.04 -5.17
N PHE B 132 -8.55 5.88 -4.34
CA PHE B 132 -8.43 6.47 -3.01
C PHE B 132 -9.51 6.00 -2.03
N GLU B 133 -10.20 4.90 -2.34
CA GLU B 133 -11.09 4.30 -1.36
C GLU B 133 -10.29 3.53 -0.32
N ARG B 134 -10.81 3.50 0.91
CA ARG B 134 -10.16 2.83 2.03
C ARG B 134 -11.17 1.91 2.68
N ASP B 135 -10.84 0.61 2.75
CA ASP B 135 -11.73 -0.40 3.32
C ASP B 135 -11.03 -1.02 4.53
N ILE B 136 -11.53 -0.72 5.73
CA ILE B 136 -10.94 -1.28 6.95
C ILE B 136 -11.87 -2.30 7.60
N SER B 137 -12.87 -2.77 6.86
CA SER B 137 -13.84 -3.71 7.40
C SER B 137 -13.22 -5.08 7.57
N THR B 138 -13.79 -5.88 8.46
CA THR B 138 -13.26 -7.21 8.73
C THR B 138 -14.36 -8.26 8.72
N GLU B 139 -15.32 -8.13 7.80
CA GLU B 139 -16.37 -9.12 7.67
C GLU B 139 -15.81 -10.41 7.08
N ILE B 140 -16.25 -11.54 7.62
CA ILE B 140 -15.84 -12.84 7.08
C ILE B 140 -16.30 -12.92 5.64
N TYR B 141 -15.39 -13.32 4.76
CA TYR B 141 -15.63 -13.26 3.32
C TYR B 141 -16.20 -14.58 2.81
N GLN B 142 -17.32 -14.49 2.10
CA GLN B 142 -18.00 -15.67 1.55
C GLN B 142 -17.39 -16.01 0.19
N ALA B 143 -16.52 -17.02 0.18
CA ALA B 143 -15.90 -17.46 -1.05
C ALA B 143 -16.69 -18.55 -1.75
N GLY B 144 -17.61 -19.21 -1.05
CA GLY B 144 -18.37 -20.29 -1.64
C GLY B 144 -19.87 -20.08 -1.68
N SER B 145 -20.62 -21.17 -1.84
CA SER B 145 -22.05 -21.07 -2.10
C SER B 145 -22.86 -20.71 -0.86
N LYS B 146 -22.34 -20.98 0.32
CA LYS B 146 -23.09 -20.86 1.55
C LYS B 146 -22.66 -19.64 2.36
N PRO B 147 -23.60 -18.96 3.02
CA PRO B 147 -23.24 -17.76 3.78
C PRO B 147 -22.43 -18.10 5.02
N CYS B 148 -21.62 -17.14 5.46
CA CYS B 148 -20.71 -17.37 6.57
C CYS B 148 -21.31 -17.01 7.92
N ASN B 149 -22.30 -16.14 7.96
CA ASN B 149 -22.96 -15.75 9.22
C ASN B 149 -21.96 -15.19 10.23
N GLY B 150 -20.90 -14.52 9.76
CA GLY B 150 -19.91 -13.98 10.67
C GLY B 150 -18.94 -14.97 11.27
N VAL B 151 -18.90 -16.20 10.77
CA VAL B 151 -18.13 -17.28 11.36
C VAL B 151 -17.13 -17.78 10.32
N GLU B 152 -15.85 -17.84 10.71
CA GLU B 152 -14.83 -18.43 9.85
C GLU B 152 -15.08 -19.92 9.69
N GLY B 153 -14.84 -20.44 8.48
CA GLY B 153 -14.97 -21.86 8.25
C GLY B 153 -14.74 -22.22 6.80
N PHE B 154 -15.44 -23.24 6.30
CA PHE B 154 -15.24 -23.69 4.94
C PHE B 154 -15.62 -22.60 3.95
N ASN B 155 -14.63 -22.15 3.16
CA ASN B 155 -14.86 -21.10 2.17
C ASN B 155 -15.42 -19.83 2.80
N CYS B 156 -15.07 -19.59 4.06
CA CYS B 156 -15.52 -18.43 4.83
C CYS B 156 -14.30 -17.88 5.56
N TYR B 157 -13.68 -16.84 5.00
CA TYR B 157 -12.34 -16.47 5.39
C TYR B 157 -12.28 -15.09 6.00
N PHE B 158 -11.48 -14.95 7.05
CA PHE B 158 -11.10 -13.62 7.49
C PHE B 158 -10.42 -12.91 6.32
N PRO B 159 -10.78 -11.65 6.04
CA PRO B 159 -10.41 -11.06 4.75
C PRO B 159 -8.99 -10.51 4.70
N LEU B 160 -8.31 -10.38 5.83
CA LEU B 160 -6.95 -9.86 5.90
C LEU B 160 -5.99 -10.99 6.17
N GLN B 161 -4.77 -10.82 5.66
CA GLN B 161 -3.67 -11.77 5.85
C GLN B 161 -2.45 -10.98 6.29
N SER B 162 -1.63 -11.60 7.14
CA SER B 162 -0.39 -10.97 7.55
C SER B 162 0.70 -11.14 6.50
N TYR B 163 1.51 -10.10 6.33
CA TYR B 163 2.68 -10.23 5.46
C TYR B 163 3.72 -11.18 6.06
N GLY B 164 3.86 -11.19 7.38
CA GLY B 164 4.82 -12.06 8.03
C GLY B 164 6.26 -11.81 7.66
N PHE B 165 6.63 -10.55 7.40
CA PHE B 165 7.97 -10.22 6.92
C PHE B 165 9.06 -10.79 7.81
N GLN B 166 9.98 -11.53 7.19
CA GLN B 166 11.20 -12.02 7.81
C GLN B 166 12.41 -11.49 7.07
N PRO B 167 13.48 -11.11 7.77
CA PRO B 167 14.62 -10.46 7.09
C PRO B 167 15.31 -11.35 6.07
N THR B 168 15.10 -12.67 6.13
CA THR B 168 15.69 -13.59 5.18
C THR B 168 14.89 -13.70 3.88
N ASN B 169 13.75 -13.03 3.77
CA ASN B 169 12.98 -13.05 2.54
C ASN B 169 13.83 -12.54 1.36
N GLY B 170 13.54 -13.06 0.17
CA GLY B 170 14.05 -12.45 -1.03
C GLY B 170 13.54 -11.02 -1.16
N VAL B 171 14.31 -10.19 -1.88
CA VAL B 171 14.06 -8.75 -1.80
C VAL B 171 12.67 -8.39 -2.33
N GLY B 172 12.15 -9.15 -3.28
CA GLY B 172 10.80 -8.90 -3.76
C GLY B 172 9.75 -9.13 -2.70
N TYR B 173 10.05 -9.94 -1.68
CA TYR B 173 9.12 -10.24 -0.60
C TYR B 173 9.48 -9.51 0.67
N GLN B 174 10.43 -8.56 0.60
CA GLN B 174 10.79 -7.75 1.76
C GLN B 174 9.86 -6.55 1.85
N PRO B 175 9.71 -5.97 3.05
CA PRO B 175 8.80 -4.83 3.20
C PRO B 175 9.37 -3.56 2.59
N TYR B 176 8.51 -2.77 1.96
CA TYR B 176 8.87 -1.47 1.44
C TYR B 176 7.91 -0.43 2.00
N ARG B 177 8.46 0.67 2.50
CA ARG B 177 7.64 1.81 2.88
C ARG B 177 7.36 2.66 1.64
N VAL B 178 6.11 3.09 1.51
CA VAL B 178 5.64 3.81 0.34
C VAL B 178 4.99 5.10 0.82
N VAL B 179 5.29 6.21 0.15
CA VAL B 179 4.59 7.48 0.33
C VAL B 179 4.07 7.90 -1.03
N VAL B 180 2.77 8.20 -1.11
CA VAL B 180 2.16 8.71 -2.32
C VAL B 180 1.80 10.17 -2.07
N LEU B 181 2.33 11.07 -2.89
CA LEU B 181 2.04 12.50 -2.76
C LEU B 181 1.03 12.89 -3.82
N SER B 182 -0.10 13.43 -3.40
CA SER B 182 -1.14 13.94 -4.29
C SER B 182 -1.12 15.46 -4.19
N PHE B 183 -1.23 16.13 -5.33
CA PHE B 183 -1.11 17.59 -5.40
C PHE B 183 -2.47 18.16 -5.78
N GLU B 184 -3.13 18.78 -4.82
CA GLU B 184 -4.52 19.18 -4.97
C GLU B 184 -4.59 20.63 -5.43
N LEU B 185 -5.30 20.87 -6.52
CA LEU B 185 -5.46 22.21 -7.09
C LEU B 185 -6.95 22.58 -7.17
N LEU B 186 -7.48 23.17 -6.10
CA LEU B 186 -8.86 23.62 -6.10
C LEU B 186 -8.92 25.04 -6.65
N HIS B 187 -10.14 25.57 -6.81
CA HIS B 187 -10.32 26.99 -7.15
C HIS B 187 -10.21 27.77 -5.85
N ALA B 188 -8.98 28.05 -5.46
CA ALA B 188 -8.73 28.46 -4.08
C ALA B 188 -7.35 29.07 -4.00
N PRO B 189 -7.11 29.95 -3.02
CA PRO B 189 -5.75 30.40 -2.77
C PRO B 189 -4.88 29.22 -2.36
N ALA B 190 -3.68 29.19 -2.89
CA ALA B 190 -2.74 28.13 -2.55
C ALA B 190 -2.33 28.24 -1.08
N THR B 191 -1.99 27.09 -0.48
CA THR B 191 -1.42 27.07 0.86
C THR B 191 -0.11 26.30 0.95
N VAL B 192 0.27 25.54 -0.08
CA VAL B 192 1.52 24.80 -0.10
C VAL B 192 2.26 25.21 -1.37
N CYS B 193 3.33 25.97 -1.22
CA CYS B 193 4.07 26.49 -2.36
C CYS B 193 5.47 25.88 -2.41
N GLY B 194 5.94 25.61 -3.63
CA GLY B 194 7.31 25.13 -3.80
C GLY B 194 8.34 26.18 -3.40
N SER B 195 9.59 25.71 -3.26
CA SER B 195 10.68 26.55 -2.78
C SER B 195 11.05 27.67 -3.75
N ASN B 196 10.77 27.50 -5.03
CA ASN B 196 11.12 28.49 -6.03
C ASN B 196 9.88 29.07 -6.72
N SER B 197 8.75 29.04 -6.02
CA SER B 197 7.52 29.60 -6.57
C SER B 197 7.64 31.12 -6.65
N GLU B 198 6.90 31.68 -7.62
CA GLU B 198 6.88 33.12 -7.92
C GLU B 198 8.18 33.55 -8.59
C1 NAG C . 14.47 11.93 7.83
C2 NAG C . 14.44 13.30 7.15
C3 NAG C . 15.85 13.70 6.66
C4 NAG C . 16.87 13.57 7.78
C5 NAG C . 16.82 12.17 8.35
C6 NAG C . 17.76 11.96 9.53
C7 NAG C . 12.60 14.24 5.81
C8 NAG C . 11.73 14.04 4.61
N2 NAG C . 13.51 13.29 6.03
O3 NAG C . 15.80 15.04 6.18
O4 NAG C . 18.19 13.75 7.24
O5 NAG C . 15.49 11.92 8.84
O6 NAG C . 17.70 13.04 10.45
O7 NAG C . 12.48 15.22 6.55
C1 NAG C . 18.89 14.90 7.76
C2 NAG C . 20.36 14.68 7.45
C3 NAG C . 21.18 15.87 7.94
C4 NAG C . 20.63 17.17 7.37
C5 NAG C . 19.13 17.29 7.65
C6 NAG C . 18.50 18.47 6.97
C7 NAG C . 21.10 12.36 7.30
C8 NAG C . 21.59 11.16 8.06
N2 NAG C . 20.85 13.45 8.03
O3 NAG C . 22.54 15.70 7.54
O4 NAG C . 21.31 18.28 7.94
O5 NAG C . 18.44 16.12 7.18
O6 NAG C . 18.37 18.25 5.57
O7 NAG C . 20.93 12.34 6.09
C1 GOL D . 12.97 7.94 4.22
O1 GOL D . 12.83 9.23 4.73
C2 GOL D . 14.34 7.40 4.74
O2 GOL D . 14.36 7.20 6.12
C3 GOL D . 14.58 6.11 3.94
O3 GOL D . 15.77 5.55 4.42
C1 GOL E . 6.36 1.74 -9.06
O1 GOL E . 7.32 1.37 -10.00
C2 GOL E . 5.30 2.54 -9.83
O2 GOL E . 5.52 2.53 -11.21
C3 GOL E . 5.37 3.97 -9.22
O3 GOL E . 4.19 4.58 -9.57
#